data_8JN9
#
_entry.id   8JN9
#
_cell.length_a   51.012
_cell.length_b   83.110
_cell.length_c   106.861
_cell.angle_alpha   90.00
_cell.angle_beta   90.00
_cell.angle_gamma   90.00
#
_symmetry.space_group_name_H-M   'P 21 21 21'
#
loop_
_entity.id
_entity.type
_entity.pdbx_description
1 polymer 'Proto-oncogene tyrosine-protein kinase Src'
2 non-polymer N-[(1R)-1-[3,5-bis(fluoranyl)phenyl]-2-(cyclopentylamino)-2-oxidanylidene-ethyl]-N-cyclopropyl-prop-2-enamide
3 water water
#
_entity_poly.entity_id   1
_entity_poly.type   'polypeptide(L)'
_entity_poly.pdbx_seq_one_letter_code
;MGSNKSKPKDASQRRRSLEPAENVHGAGGGAFPASQTPSKPASADGHRGPSAAFAPAAAEPKLFGGFNSSDTVTSPQRAG
PLAGGVTTFVALYDYESRTETDLSFKKGERLQIVNNTEGDWWLAHSLSTGQTGYIPSNYVAPSDSIQAEEWYFGKITRRE
SERLLLNAENPRGTFLVRESETTKGAYCLSVSDFDNAKGLNVKHYKIRKLDSGGFYITSRTQFNSLQQLVAYYSKHADGL
CHRLTTVCPTSKPQTQGLAKDAWEIPRESLRLEVKLGQGCFGEVWMGTWNGTTRVAIKTLKPGTMSPEAFLQEAQVMKKL
RHEKLVQLYAVVSEEPIYIVTEYMSKGSLLDFLKGETGKYLRLPQLVDMAAQIASGMAYVERMNYVHRDLRAANILVGEN
LVCKVADFGLARLIEDNEYTARQGAKFPIKWTAPEAALYGRFTIKSDVWSFGILLTELTTKGRVPYPGMVNREVLDQVER
GYRMPCPPECPESLHDLMCQCWRKEPEERPTFEYLQAFLEDYFTSTEPQ(PTR)QPGENL
;
_entity_poly.pdbx_strand_id   A
#
# COMPACT_ATOMS: atom_id res chain seq x y z
N VAL A 86 -6.32 -34.10 1.71
CA VAL A 86 -5.32 -33.14 1.31
C VAL A 86 -5.30 -32.83 -0.19
N THR A 87 -5.01 -31.57 -0.48
CA THR A 87 -5.10 -30.99 -1.80
C THR A 87 -3.72 -30.63 -2.28
N THR A 88 -3.40 -30.98 -3.51
CA THR A 88 -2.20 -30.43 -4.10
C THR A 88 -2.46 -28.96 -4.41
N PHE A 89 -1.53 -28.10 -4.00
CA PHE A 89 -1.53 -26.71 -4.35
C PHE A 89 -0.46 -26.49 -5.41
N VAL A 90 -0.60 -25.40 -6.16
CA VAL A 90 0.35 -25.01 -7.18
C VAL A 90 1.00 -23.71 -6.71
N ALA A 91 2.29 -23.56 -7.02
CA ALA A 91 3.02 -22.36 -6.65
C ALA A 91 2.72 -21.31 -7.70
N LEU A 92 2.56 -20.05 -7.26
CA LEU A 92 2.32 -18.97 -8.19
C LEU A 92 3.53 -18.06 -8.41
N TYR A 93 4.61 -18.23 -7.64
CA TYR A 93 5.79 -17.38 -7.79
C TYR A 93 7.00 -18.19 -7.32
N ASP A 94 8.19 -17.84 -7.81
CA ASP A 94 9.41 -18.37 -7.22
C ASP A 94 9.51 -17.83 -5.79
N TYR A 95 10.01 -18.67 -4.88
CA TYR A 95 10.34 -18.29 -3.50
C TYR A 95 11.67 -18.94 -3.18
N GLU A 96 12.72 -18.14 -3.02
CA GLU A 96 14.03 -18.73 -2.76
C GLU A 96 14.16 -19.00 -1.27
N SER A 97 14.24 -20.30 -0.91
CA SER A 97 14.28 -20.75 0.49
C SER A 97 15.27 -19.89 1.24
N ARG A 98 14.85 -19.39 2.41
CA ARG A 98 15.79 -18.62 3.22
C ARG A 98 16.42 -19.56 4.28
N THR A 99 15.67 -19.85 5.34
CA THR A 99 16.17 -20.55 6.49
C THR A 99 16.15 -22.06 6.26
N GLU A 100 16.54 -22.74 7.33
CA GLU A 100 16.47 -24.19 7.41
C GLU A 100 15.06 -24.68 7.11
N THR A 101 14.12 -24.21 7.92
CA THR A 101 12.82 -24.82 8.16
C THR A 101 11.80 -24.55 7.06
N ASP A 102 12.10 -23.68 6.10
CA ASP A 102 11.18 -23.34 5.01
C ASP A 102 11.67 -23.94 3.69
N LEU A 103 10.82 -23.85 2.67
CA LEU A 103 11.00 -24.58 1.43
C LEU A 103 11.28 -23.63 0.27
N SER A 104 12.27 -23.98 -0.56
CA SER A 104 12.44 -23.28 -1.83
C SER A 104 11.54 -23.94 -2.84
N PHE A 105 10.96 -23.14 -3.72
CA PHE A 105 10.20 -23.66 -4.84
C PHE A 105 10.20 -22.61 -5.94
N LYS A 106 9.92 -23.07 -7.14
CA LYS A 106 9.81 -22.21 -8.30
C LYS A 106 8.36 -22.19 -8.74
N LYS A 107 7.94 -21.08 -9.37
CA LYS A 107 6.59 -20.98 -9.93
C LYS A 107 6.24 -22.27 -10.66
N GLY A 108 5.04 -22.80 -10.40
CA GLY A 108 4.57 -24.03 -11.02
C GLY A 108 4.73 -25.31 -10.19
N GLU A 109 5.59 -25.34 -9.16
CA GLU A 109 5.85 -26.57 -8.43
C GLU A 109 4.55 -27.14 -7.82
N ARG A 110 4.49 -28.47 -7.70
CA ARG A 110 3.36 -29.17 -7.09
C ARG A 110 3.65 -29.40 -5.59
N LEU A 111 2.83 -28.83 -4.72
CA LEU A 111 3.08 -28.87 -3.29
C LEU A 111 1.90 -29.48 -2.57
N GLN A 112 2.18 -30.24 -1.53
CA GLN A 112 1.16 -30.95 -0.76
C GLN A 112 0.99 -30.30 0.60
N ILE A 113 -0.27 -30.03 0.97
CA ILE A 113 -0.62 -29.32 2.20
C ILE A 113 -1.95 -29.84 2.72
N VAL A 114 -2.24 -29.61 4.00
CA VAL A 114 -3.44 -30.19 4.62
C VAL A 114 -4.55 -29.13 4.70
N ASN A 115 -5.73 -29.49 4.17
CA ASN A 115 -6.69 -28.51 3.65
C ASN A 115 -7.03 -27.41 4.63
N ASN A 116 -7.45 -27.78 5.83
CA ASN A 116 -8.00 -26.83 6.79
C ASN A 116 -6.96 -25.95 7.46
N THR A 117 -5.73 -25.86 6.94
CA THR A 117 -4.73 -25.02 7.59
C THR A 117 -5.09 -23.55 7.43
N GLU A 118 -4.94 -22.80 8.51
CA GLU A 118 -4.99 -21.35 8.50
C GLU A 118 -3.62 -20.82 8.92
N GLY A 119 -3.48 -19.50 8.91
CA GLY A 119 -2.23 -18.85 9.23
C GLY A 119 -1.56 -18.30 7.97
N ASP A 120 -0.36 -17.74 8.17
CA ASP A 120 0.41 -17.14 7.09
C ASP A 120 1.53 -18.01 6.57
N TRP A 121 1.92 -19.06 7.29
CA TRP A 121 2.97 -19.97 6.85
C TRP A 121 2.43 -21.38 7.00
N TRP A 122 2.51 -22.16 5.93
CA TRP A 122 1.97 -23.50 5.91
C TRP A 122 3.07 -24.52 5.68
N LEU A 123 2.82 -25.75 6.13
CA LEU A 123 3.76 -26.85 5.96
C LEU A 123 3.46 -27.60 4.66
N ALA A 124 4.43 -27.64 3.77
CA ALA A 124 4.27 -28.28 2.46
C ALA A 124 5.31 -29.38 2.20
N HIS A 125 4.85 -30.41 1.52
CA HIS A 125 5.69 -31.43 0.92
C HIS A 125 5.61 -31.26 -0.60
N SER A 126 6.75 -31.01 -1.24
CA SER A 126 6.82 -30.81 -2.69
C SER A 126 6.76 -32.13 -3.42
N LEU A 127 5.73 -32.38 -4.18
CA LEU A 127 5.75 -33.60 -4.94
C LEU A 127 6.65 -33.51 -6.16
N SER A 128 7.43 -32.46 -6.24
CA SER A 128 8.23 -32.14 -7.37
C SER A 128 9.64 -32.31 -7.02
N THR A 129 10.00 -31.73 -5.92
CA THR A 129 11.32 -31.72 -5.45
C THR A 129 11.54 -32.72 -4.37
N GLY A 130 10.49 -33.19 -3.77
CA GLY A 130 10.68 -34.08 -2.65
C GLY A 130 10.94 -33.33 -1.37
N GLN A 131 11.52 -32.14 -1.46
CA GLN A 131 11.85 -31.35 -0.28
C GLN A 131 10.59 -30.86 0.42
N THR A 132 10.79 -30.37 1.64
CA THR A 132 9.70 -30.11 2.55
C THR A 132 10.07 -28.92 3.42
N GLY A 133 9.09 -28.07 3.72
CA GLY A 133 9.37 -26.95 4.60
C GLY A 133 8.12 -26.12 4.85
N TYR A 134 8.31 -24.89 5.28
CA TYR A 134 7.18 -23.99 5.45
C TYR A 134 7.20 -23.00 4.30
N ILE A 135 6.01 -22.67 3.79
CA ILE A 135 5.85 -21.81 2.63
C ILE A 135 4.89 -20.68 2.99
N PRO A 136 5.01 -19.51 2.35
CA PRO A 136 4.05 -18.42 2.62
C PRO A 136 2.73 -18.71 1.92
N SER A 137 1.64 -18.62 2.65
CA SER A 137 0.38 -19.13 2.11
C SER A 137 -0.10 -18.31 0.93
N ASN A 138 0.32 -17.05 0.83
CA ASN A 138 -0.11 -16.22 -0.30
C ASN A 138 0.57 -16.59 -1.61
N TYR A 139 1.59 -17.46 -1.60
CA TYR A 139 2.34 -17.81 -2.81
C TYR A 139 1.81 -19.06 -3.48
N VAL A 140 0.78 -19.68 -2.93
CA VAL A 140 0.19 -20.88 -3.52
C VAL A 140 -1.32 -20.70 -3.68
N ALA A 141 -1.91 -21.58 -4.47
CA ALA A 141 -3.35 -21.69 -4.65
C ALA A 141 -3.64 -23.12 -5.04
N PRO A 142 -4.88 -23.59 -4.85
CA PRO A 142 -5.16 -24.99 -5.19
C PRO A 142 -4.78 -25.35 -6.60
N SER A 143 -4.53 -26.62 -6.89
CA SER A 143 -4.30 -27.00 -8.27
C SER A 143 -5.60 -26.89 -9.03
N ASP A 144 -5.52 -26.41 -10.26
CA ASP A 144 -6.64 -26.44 -11.20
C ASP A 144 -7.85 -25.62 -10.76
N SER A 145 -7.73 -24.77 -9.73
CA SER A 145 -8.80 -23.85 -9.37
C SER A 145 -8.60 -22.51 -10.08
N ILE A 146 -9.69 -21.75 -10.21
CA ILE A 146 -9.59 -20.47 -10.89
C ILE A 146 -8.43 -19.66 -10.32
N GLN A 147 -8.31 -19.63 -8.98
CA GLN A 147 -7.22 -18.87 -8.34
C GLN A 147 -5.87 -19.25 -8.88
N ALA A 148 -5.74 -20.46 -9.39
CA ALA A 148 -4.43 -20.90 -9.83
C ALA A 148 -3.93 -20.13 -11.04
N GLU A 149 -4.80 -19.47 -11.77
CA GLU A 149 -4.36 -18.91 -13.04
C GLU A 149 -3.49 -17.67 -12.85
N GLU A 150 -2.61 -17.47 -13.83
CA GLU A 150 -1.75 -16.30 -13.81
C GLU A 150 -2.56 -15.02 -13.80
N TRP A 151 -3.64 -14.97 -14.59
CA TRP A 151 -4.39 -13.73 -14.74
C TRP A 151 -5.45 -13.53 -13.66
N TYR A 152 -5.60 -14.45 -12.71
CA TYR A 152 -6.64 -14.30 -11.69
C TYR A 152 -6.07 -13.49 -10.52
N PHE A 153 -6.63 -12.29 -10.28
CA PHE A 153 -6.15 -11.40 -9.21
C PHE A 153 -7.07 -11.36 -8.00
N GLY A 154 -7.87 -12.39 -7.76
CA GLY A 154 -8.57 -12.44 -6.49
C GLY A 154 -9.45 -11.25 -6.26
N LYS A 155 -9.55 -10.84 -5.00
CA LYS A 155 -10.44 -9.75 -4.62
C LYS A 155 -9.65 -8.46 -4.42
N ILE A 156 -8.71 -8.24 -5.33
CA ILE A 156 -8.19 -6.92 -5.63
C ILE A 156 -9.33 -5.95 -5.92
N THR A 157 -9.08 -4.65 -5.79
CA THR A 157 -10.10 -3.61 -5.84
C THR A 157 -10.14 -2.97 -7.22
N ARG A 158 -11.28 -2.35 -7.55
CA ARG A 158 -11.40 -1.68 -8.85
C ARG A 158 -10.32 -0.62 -9.04
N ARG A 159 -10.17 0.30 -8.06
CA ARG A 159 -9.20 1.38 -8.15
C ARG A 159 -7.77 0.87 -8.30
N GLU A 160 -7.43 -0.25 -7.67
CA GLU A 160 -6.08 -0.77 -7.75
C GLU A 160 -5.81 -1.60 -9.01
N SER A 161 -6.82 -2.26 -9.56
CA SER A 161 -6.59 -2.96 -10.82
C SER A 161 -6.24 -1.95 -11.90
N GLU A 162 -6.94 -0.81 -11.92
CA GLU A 162 -6.60 0.23 -12.90
C GLU A 162 -5.16 0.72 -12.73
N ARG A 163 -4.66 0.77 -11.50
CA ARG A 163 -3.26 1.09 -11.26
C ARG A 163 -2.33 0.13 -12.01
N LEU A 164 -2.59 -1.17 -11.90
CA LEU A 164 -1.68 -2.16 -12.50
C LEU A 164 -1.82 -2.21 -14.03
N LEU A 165 -3.04 -2.07 -14.53
CA LEU A 165 -3.28 -2.19 -15.96
C LEU A 165 -2.74 -0.99 -16.72
N LEU A 166 -2.98 0.22 -16.21
CA LEU A 166 -2.50 1.45 -16.85
C LEU A 166 -1.01 1.64 -16.77
N ASN A 167 -0.26 0.68 -16.24
CA ASN A 167 1.18 0.82 -16.35
C ASN A 167 1.55 1.01 -17.82
N ALA A 168 2.37 2.02 -18.09
CA ALA A 168 2.49 2.42 -19.49
C ALA A 168 3.28 1.45 -20.35
N GLU A 169 3.90 0.43 -19.76
CA GLU A 169 4.53 -0.59 -20.60
C GLU A 169 3.54 -1.66 -21.03
N ASN A 170 2.35 -1.66 -20.45
CA ASN A 170 1.36 -2.66 -20.78
C ASN A 170 0.74 -2.35 -22.14
N PRO A 171 0.84 -3.24 -23.12
CA PRO A 171 0.13 -3.02 -24.38
C PRO A 171 -1.37 -3.00 -24.15
N ARG A 172 -2.08 -2.47 -25.14
CA ARG A 172 -3.53 -2.63 -25.22
C ARG A 172 -3.91 -4.09 -25.09
N GLY A 173 -5.05 -4.36 -24.47
CA GLY A 173 -5.45 -5.73 -24.27
C GLY A 173 -4.81 -6.42 -23.09
N THR A 174 -3.96 -5.72 -22.32
CA THR A 174 -3.54 -6.24 -21.03
C THR A 174 -4.75 -6.34 -20.10
N PHE A 175 -4.93 -7.51 -19.50
CA PHE A 175 -6.14 -7.77 -18.76
C PHE A 175 -5.81 -8.43 -17.43
N LEU A 176 -6.83 -8.47 -16.58
CA LEU A 176 -6.82 -9.31 -15.40
C LEU A 176 -8.27 -9.69 -15.14
N VAL A 177 -8.44 -10.69 -14.30
CA VAL A 177 -9.76 -11.09 -13.85
C VAL A 177 -9.79 -10.99 -12.33
N ARG A 178 -10.91 -10.52 -11.79
CA ARG A 178 -11.02 -10.30 -10.36
C ARG A 178 -12.46 -10.51 -9.92
N GLU A 179 -12.64 -10.50 -8.60
CA GLU A 179 -13.96 -10.57 -7.99
C GLU A 179 -14.54 -9.16 -8.01
N SER A 180 -15.82 -9.05 -8.36
CA SER A 180 -16.51 -7.75 -8.34
C SER A 180 -16.79 -7.31 -6.90
N GLU A 181 -16.38 -6.08 -6.56
CA GLU A 181 -16.72 -5.51 -5.26
C GLU A 181 -18.22 -5.26 -5.06
N THR A 182 -19.09 -5.37 -6.08
CA THR A 182 -20.45 -4.82 -5.91
C THR A 182 -21.61 -5.78 -6.14
N THR A 183 -21.39 -7.01 -6.62
CA THR A 183 -22.48 -7.92 -7.04
C THR A 183 -22.33 -9.31 -6.40
N LYS A 184 -22.11 -9.37 -5.09
CA LYS A 184 -22.00 -10.66 -4.40
C LYS A 184 -20.97 -11.48 -5.15
N GLY A 185 -21.33 -12.58 -5.81
CA GLY A 185 -20.33 -13.52 -6.23
C GLY A 185 -19.83 -13.40 -7.65
N ALA A 186 -20.22 -12.36 -8.41
CA ALA A 186 -19.75 -12.21 -9.79
C ALA A 186 -18.24 -11.97 -9.87
N TYR A 187 -17.66 -12.28 -11.03
CA TYR A 187 -16.26 -11.97 -11.31
C TYR A 187 -16.24 -10.75 -12.21
N CYS A 188 -15.03 -10.27 -12.54
CA CYS A 188 -15.01 -9.10 -13.42
C CYS A 188 -13.72 -9.06 -14.22
N LEU A 189 -13.83 -8.85 -15.54
CA LEU A 189 -12.69 -8.86 -16.43
C LEU A 189 -12.28 -7.42 -16.71
N SER A 190 -11.04 -7.05 -16.36
CA SER A 190 -10.57 -5.69 -16.53
C SER A 190 -9.54 -5.66 -17.65
N VAL A 191 -9.68 -4.71 -18.58
CA VAL A 191 -8.91 -4.73 -19.83
C VAL A 191 -8.47 -3.32 -20.21
N SER A 192 -7.18 -3.16 -20.52
CA SER A 192 -6.63 -1.88 -20.95
C SER A 192 -6.96 -1.62 -22.42
N ASP A 193 -7.35 -0.38 -22.75
CA ASP A 193 -7.64 -0.03 -24.14
C ASP A 193 -7.12 1.38 -24.42
N PHE A 194 -7.24 1.81 -25.66
CA PHE A 194 -6.88 3.16 -26.01
C PHE A 194 -8.02 3.82 -26.77
N ASP A 195 -8.22 5.12 -26.49
CA ASP A 195 -9.39 5.85 -26.93
C ASP A 195 -8.96 7.27 -27.29
N ASN A 196 -9.50 7.81 -28.40
CA ASN A 196 -9.14 9.18 -28.77
C ASN A 196 -9.59 10.18 -27.71
N ALA A 197 -10.79 10.02 -27.16
CA ALA A 197 -11.19 10.95 -26.12
C ALA A 197 -10.34 10.74 -24.88
N LYS A 198 -10.46 9.57 -24.26
CA LYS A 198 -10.02 9.36 -22.89
C LYS A 198 -8.56 8.96 -22.76
N GLY A 199 -7.82 8.79 -23.85
CA GLY A 199 -6.44 8.36 -23.74
C GLY A 199 -6.39 6.86 -23.55
N LEU A 200 -5.53 6.39 -22.64
CA LEU A 200 -5.53 4.97 -22.31
C LEU A 200 -6.27 4.80 -20.99
N ASN A 201 -7.14 3.80 -20.95
CA ASN A 201 -8.19 3.68 -19.95
C ASN A 201 -8.48 2.20 -19.73
N VAL A 202 -9.07 1.85 -18.59
CA VAL A 202 -9.47 0.47 -18.33
C VAL A 202 -10.98 0.31 -18.49
N LYS A 203 -11.38 -0.78 -19.11
CA LYS A 203 -12.78 -1.12 -19.29
C LYS A 203 -13.04 -2.40 -18.52
N HIS A 204 -14.07 -2.38 -17.67
CA HIS A 204 -14.42 -3.45 -16.75
C HIS A 204 -15.67 -4.16 -17.24
N TYR A 205 -15.62 -5.47 -17.36
CA TYR A 205 -16.74 -6.27 -17.81
C TYR A 205 -17.14 -7.26 -16.72
N LYS A 206 -18.41 -7.20 -16.31
CA LYS A 206 -18.96 -8.15 -15.35
C LYS A 206 -19.13 -9.52 -15.99
N ILE A 207 -18.74 -10.56 -15.27
CA ILE A 207 -18.89 -11.93 -15.73
C ILE A 207 -19.79 -12.65 -14.75
N ARG A 208 -21.02 -12.99 -15.13
CA ARG A 208 -21.95 -13.64 -14.23
C ARG A 208 -21.90 -15.16 -14.41
N LYS A 209 -22.15 -15.92 -13.34
CA LYS A 209 -22.06 -17.38 -13.42
C LYS A 209 -23.46 -17.91 -13.76
N LEU A 210 -23.53 -18.79 -14.76
CA LEU A 210 -24.78 -19.39 -15.23
C LEU A 210 -25.28 -20.43 -14.23
N ASP A 211 -26.56 -20.79 -14.36
CA ASP A 211 -27.09 -21.93 -13.62
C ASP A 211 -26.20 -23.16 -13.80
N SER A 212 -25.49 -23.25 -14.95
CA SER A 212 -24.68 -24.39 -15.34
C SER A 212 -23.29 -24.41 -14.71
N GLY A 213 -22.97 -23.48 -13.80
CA GLY A 213 -21.59 -23.24 -13.43
C GLY A 213 -20.77 -22.49 -14.47
N GLY A 214 -21.21 -22.43 -15.72
CA GLY A 214 -20.50 -21.71 -16.76
C GLY A 214 -20.54 -20.20 -16.56
N PHE A 215 -20.03 -19.49 -17.58
CA PHE A 215 -19.76 -18.05 -17.46
C PHE A 215 -20.05 -17.33 -18.78
N TYR A 216 -20.52 -16.08 -18.68
CA TYR A 216 -20.89 -15.32 -19.86
C TYR A 216 -20.61 -13.85 -19.61
N ILE A 217 -20.10 -13.15 -20.61
CA ILE A 217 -20.11 -11.70 -20.56
C ILE A 217 -21.33 -11.13 -21.27
N THR A 218 -21.79 -11.81 -22.33
CA THR A 218 -23.08 -11.52 -22.93
C THR A 218 -23.79 -12.85 -23.19
N SER A 219 -25.09 -12.89 -22.89
CA SER A 219 -25.91 -14.08 -23.00
C SER A 219 -25.68 -14.82 -24.32
N ARG A 220 -25.25 -14.07 -25.32
CA ARG A 220 -24.99 -14.56 -26.67
C ARG A 220 -23.79 -15.49 -26.74
N THR A 221 -22.90 -15.50 -25.75
CA THR A 221 -21.65 -16.24 -25.85
C THR A 221 -21.25 -16.71 -24.45
N GLN A 222 -21.38 -18.03 -24.18
CA GLN A 222 -21.23 -18.61 -22.85
C GLN A 222 -20.25 -19.79 -22.89
N PHE A 223 -19.74 -20.14 -21.72
CA PHE A 223 -18.72 -21.15 -21.59
C PHE A 223 -19.06 -22.00 -20.39
N ASN A 224 -18.35 -23.11 -20.23
CA ASN A 224 -18.50 -23.94 -19.04
C ASN A 224 -17.54 -23.57 -17.93
N SER A 225 -16.59 -22.65 -18.18
CA SER A 225 -15.57 -22.28 -17.21
C SER A 225 -14.95 -20.93 -17.57
N LEU A 226 -14.45 -20.23 -16.56
CA LEU A 226 -13.73 -18.99 -16.80
C LEU A 226 -12.60 -19.18 -17.78
N GLN A 227 -11.87 -20.29 -17.65
CA GLN A 227 -10.68 -20.52 -18.48
C GLN A 227 -11.03 -20.59 -19.96
N GLN A 228 -12.12 -21.28 -20.31
CA GLN A 228 -12.58 -21.27 -21.69
C GLN A 228 -12.90 -19.84 -22.13
N LEU A 229 -13.70 -19.11 -21.33
CA LEU A 229 -13.99 -17.71 -21.61
C LEU A 229 -12.73 -16.93 -21.96
N VAL A 230 -11.72 -16.99 -21.08
CA VAL A 230 -10.52 -16.19 -21.26
C VAL A 230 -9.73 -16.66 -22.47
N ALA A 231 -9.76 -17.96 -22.75
CA ALA A 231 -9.19 -18.45 -24.00
C ALA A 231 -9.84 -17.76 -25.18
N TYR A 232 -11.16 -17.83 -25.23
CA TYR A 232 -11.90 -17.40 -26.41
C TYR A 232 -11.62 -15.93 -26.74
N TYR A 233 -11.78 -15.03 -25.75
CA TYR A 233 -11.57 -13.60 -25.99
C TYR A 233 -10.10 -13.24 -26.19
N SER A 234 -9.18 -14.17 -25.91
CA SER A 234 -7.80 -13.96 -26.31
C SER A 234 -7.61 -14.17 -27.81
N LYS A 235 -8.60 -14.72 -28.52
CA LYS A 235 -8.56 -14.89 -29.97
C LYS A 235 -9.37 -13.88 -30.78
N HIS A 236 -10.54 -13.41 -30.28
CA HIS A 236 -11.25 -12.33 -30.96
C HIS A 236 -12.06 -11.53 -29.97
N ALA A 237 -11.99 -10.20 -30.09
CA ALA A 237 -12.64 -9.31 -29.15
C ALA A 237 -14.16 -9.52 -29.09
N ASP A 238 -14.78 -9.92 -30.20
CA ASP A 238 -16.20 -10.24 -30.33
C ASP A 238 -17.08 -9.42 -29.39
N GLY A 239 -17.03 -8.11 -29.50
CA GLY A 239 -17.74 -7.28 -28.55
C GLY A 239 -16.86 -6.52 -27.60
N LEU A 240 -15.79 -7.16 -27.10
CA LEU A 240 -14.89 -6.46 -26.21
C LEU A 240 -14.20 -5.32 -26.94
N CYS A 241 -13.89 -4.26 -26.20
CA CYS A 241 -13.13 -3.13 -26.69
C CYS A 241 -11.88 -3.55 -27.47
N HIS A 242 -11.26 -4.68 -27.09
CA HIS A 242 -9.99 -5.16 -27.62
C HIS A 242 -9.82 -6.64 -27.26
N ARG A 243 -9.25 -7.42 -28.18
CA ARG A 243 -8.88 -8.80 -27.85
C ARG A 243 -7.91 -8.82 -26.68
N LEU A 244 -8.03 -9.83 -25.81
CA LEU A 244 -7.10 -9.95 -24.67
C LEU A 244 -5.72 -10.43 -25.15
N THR A 245 -4.66 -9.69 -24.80
CA THR A 245 -3.33 -10.00 -25.31
C THR A 245 -2.34 -10.41 -24.21
N THR A 246 -2.16 -9.60 -23.16
CA THR A 246 -1.12 -9.80 -22.15
C THR A 246 -1.76 -9.98 -20.77
N VAL A 247 -1.41 -11.06 -20.08
CA VAL A 247 -1.80 -11.15 -18.68
C VAL A 247 -1.17 -10.00 -17.91
N CYS A 248 -1.92 -9.42 -16.98
CA CYS A 248 -1.45 -8.23 -16.31
C CYS A 248 -0.17 -8.57 -15.55
N PRO A 249 0.88 -7.79 -15.69
CA PRO A 249 2.12 -8.11 -14.99
C PRO A 249 2.03 -7.67 -13.54
N THR A 250 2.47 -8.53 -12.63
CA THR A 250 2.47 -8.20 -11.21
C THR A 250 3.86 -8.39 -10.62
N SER A 251 4.01 -8.04 -9.35
CA SER A 251 5.20 -8.38 -8.58
C SER A 251 4.86 -9.44 -7.54
N LYS A 252 5.87 -10.24 -7.18
CA LYS A 252 5.82 -11.12 -6.03
C LYS A 252 5.25 -10.34 -4.87
N PRO A 253 4.17 -10.79 -4.24
CA PRO A 253 3.74 -10.14 -3.00
C PRO A 253 4.85 -10.26 -1.98
N GLN A 254 4.77 -9.44 -0.95
CA GLN A 254 5.67 -9.57 0.18
C GLN A 254 5.07 -10.59 1.15
N THR A 255 5.88 -11.54 1.59
CA THR A 255 5.43 -12.48 2.61
C THR A 255 5.03 -11.70 3.85
N GLN A 256 4.38 -12.39 4.79
CA GLN A 256 4.01 -11.79 6.07
C GLN A 256 5.02 -12.29 7.11
N GLY A 257 6.14 -11.59 7.19
CA GLY A 257 7.25 -11.96 8.05
C GLY A 257 8.39 -12.53 7.23
N LEU A 258 9.60 -12.42 7.77
CA LEU A 258 10.75 -12.87 6.97
C LEU A 258 10.76 -14.39 6.78
N ALA A 259 10.28 -15.14 7.77
CA ALA A 259 9.94 -16.56 7.68
C ALA A 259 9.11 -16.89 8.92
N LYS A 260 8.54 -18.09 8.95
CA LYS A 260 7.81 -18.52 10.14
C LYS A 260 8.66 -18.26 11.38
N ASP A 261 8.03 -17.70 12.41
CA ASP A 261 8.66 -17.50 13.72
C ASP A 261 9.86 -16.54 13.69
N ALA A 262 9.93 -15.62 12.72
CA ALA A 262 11.01 -14.63 12.64
C ALA A 262 10.49 -13.28 13.13
N TRP A 263 10.84 -12.93 14.34
CA TRP A 263 10.49 -11.64 14.90
C TRP A 263 11.72 -10.85 15.27
N GLU A 264 12.43 -11.30 16.29
CA GLU A 264 13.71 -10.72 16.65
C GLU A 264 14.83 -11.56 16.05
N ILE A 265 15.77 -10.88 15.44
CA ILE A 265 16.78 -11.52 14.61
C ILE A 265 18.10 -10.91 15.04
N PRO A 266 19.23 -11.49 14.67
CA PRO A 266 20.53 -10.95 15.09
C PRO A 266 21.18 -10.15 13.99
N ARG A 267 22.04 -9.19 14.36
CA ARG A 267 22.61 -8.23 13.39
C ARG A 267 23.17 -8.94 12.16
N GLU A 268 23.70 -10.15 12.33
CA GLU A 268 24.52 -10.79 11.30
C GLU A 268 23.70 -11.39 10.18
N SER A 269 22.39 -11.57 10.37
CA SER A 269 21.53 -11.96 9.25
C SER A 269 21.35 -10.83 8.27
N LEU A 270 21.62 -9.61 8.69
CA LEU A 270 21.34 -8.42 7.92
C LEU A 270 22.62 -7.91 7.29
N ARG A 271 22.54 -7.59 6.00
CA ARG A 271 23.63 -6.99 5.26
C ARG A 271 23.13 -5.62 4.81
N LEU A 272 23.85 -4.58 5.16
CA LEU A 272 23.55 -3.23 4.72
C LEU A 272 24.31 -3.04 3.43
N GLU A 273 23.61 -2.68 2.34
CA GLU A 273 24.30 -2.49 1.08
C GLU A 273 24.35 -0.96 0.82
N VAL A 274 23.35 -0.40 0.22
CA VAL A 274 23.34 1.02 -0.14
C VAL A 274 22.66 1.77 1.00
N LYS A 275 23.30 2.82 1.53
CA LYS A 275 22.63 3.70 2.49
C LYS A 275 21.77 4.69 1.72
N LEU A 276 20.52 4.87 2.17
CA LEU A 276 19.51 5.60 1.41
C LEU A 276 19.21 7.00 1.91
N GLY A 277 19.51 7.32 3.16
CA GLY A 277 19.25 8.67 3.63
C GLY A 277 19.46 8.84 5.12
N GLN A 278 19.63 10.06 5.58
CA GLN A 278 19.85 10.30 6.99
C GLN A 278 18.59 10.94 7.56
N GLY A 279 18.15 10.41 8.71
CA GLY A 279 17.10 11.01 9.48
C GLY A 279 17.69 11.85 10.60
N CYS A 280 16.81 12.34 11.47
CA CYS A 280 17.29 13.11 12.61
C CYS A 280 17.80 12.19 13.71
N PHE A 281 17.30 10.97 13.77
CA PHE A 281 17.63 10.03 14.83
C PHE A 281 18.16 8.71 14.27
N GLY A 282 18.65 8.71 13.04
CA GLY A 282 19.24 7.49 12.51
C GLY A 282 19.37 7.56 11.00
N GLU A 283 19.60 6.39 10.42
CA GLU A 283 19.84 6.23 9.00
C GLU A 283 18.86 5.19 8.46
N VAL A 284 18.74 5.18 7.12
CA VAL A 284 17.88 4.27 6.38
C VAL A 284 18.68 3.59 5.26
N TRP A 285 18.55 2.27 5.18
CA TRP A 285 19.43 1.44 4.38
C TRP A 285 18.66 0.46 3.51
N MET A 286 19.13 0.26 2.29
CA MET A 286 18.78 -0.94 1.56
C MET A 286 19.70 -2.08 2.00
N GLY A 287 19.11 -3.25 2.23
CA GLY A 287 19.87 -4.42 2.58
C GLY A 287 19.26 -5.76 2.17
N THR A 288 19.76 -6.83 2.80
CA THR A 288 19.39 -8.21 2.50
C THR A 288 19.36 -8.99 3.80
N TRP A 289 18.40 -9.89 3.93
CA TRP A 289 18.30 -10.78 5.08
C TRP A 289 18.54 -12.20 4.59
N ASN A 290 19.44 -12.93 5.29
CA ASN A 290 19.86 -14.28 4.89
C ASN A 290 20.20 -14.38 3.42
N GLY A 291 20.95 -13.39 2.91
CA GLY A 291 21.41 -13.38 1.54
C GLY A 291 20.33 -13.57 0.50
N THR A 292 19.05 -13.41 0.88
CA THR A 292 17.94 -13.63 -0.04
C THR A 292 17.06 -12.38 -0.18
N THR A 293 16.26 -12.06 0.81
CA THR A 293 15.17 -11.12 0.62
C THR A 293 15.67 -9.66 0.75
N ARG A 294 15.31 -8.81 -0.23
CA ARG A 294 15.54 -7.37 -0.14
C ARG A 294 14.69 -6.74 0.97
N VAL A 295 15.34 -5.98 1.86
CA VAL A 295 14.64 -5.38 3.00
C VAL A 295 15.07 -3.92 3.14
N ALA A 296 14.26 -3.15 3.85
CA ALA A 296 14.78 -1.88 4.31
C ALA A 296 15.26 -2.07 5.74
N ILE A 297 16.21 -1.23 6.14
CA ILE A 297 16.78 -1.34 7.48
C ILE A 297 16.94 0.07 8.01
N LYS A 298 16.16 0.42 9.03
CA LYS A 298 16.29 1.67 9.74
C LYS A 298 17.17 1.40 10.94
N THR A 299 18.21 2.21 11.11
CA THR A 299 19.18 2.10 12.19
C THR A 299 19.03 3.30 13.13
N LEU A 300 18.80 3.04 14.41
CA LEU A 300 18.53 4.13 15.36
C LEU A 300 19.79 4.60 16.04
N LYS A 301 19.90 5.92 16.23
CA LYS A 301 21.10 6.48 16.85
C LYS A 301 21.04 6.17 18.34
N PRO A 302 22.15 5.73 18.96
CA PRO A 302 22.06 5.19 20.34
C PRO A 302 21.55 6.26 21.28
N GLY A 303 20.77 5.82 22.28
CA GLY A 303 20.10 6.72 23.23
C GLY A 303 18.79 7.32 22.76
N THR A 304 18.26 6.89 21.59
CA THR A 304 17.05 7.49 21.02
C THR A 304 15.79 6.98 21.70
N MET A 305 15.63 5.66 21.76
CA MET A 305 14.60 4.99 22.56
C MET A 305 15.25 3.90 23.40
N SER A 306 14.52 3.41 24.39
CA SER A 306 14.91 2.17 25.05
C SER A 306 14.68 0.99 24.13
N PRO A 307 15.56 -0.01 24.14
CA PRO A 307 15.24 -1.27 23.44
C PRO A 307 14.12 -2.04 24.11
N GLU A 308 13.92 -1.86 25.41
CA GLU A 308 12.78 -2.45 26.08
C GLU A 308 11.49 -1.79 25.61
N ALA A 309 11.38 -0.46 25.78
CA ALA A 309 10.19 0.28 25.37
C ALA A 309 9.84 -0.01 23.92
N PHE A 310 10.86 -0.05 23.06
CA PHE A 310 10.61 -0.32 21.66
C PHE A 310 9.98 -1.69 21.44
N LEU A 311 10.59 -2.73 22.00
CA LEU A 311 10.11 -4.09 21.79
C LEU A 311 8.67 -4.26 22.22
N GLN A 312 8.31 -3.73 23.40
CA GLN A 312 6.93 -3.85 23.86
C GLN A 312 6.01 -3.09 22.93
N GLU A 313 6.50 -2.02 22.32
CA GLU A 313 5.75 -1.28 21.31
C GLU A 313 5.64 -2.06 20.03
N ALA A 314 6.71 -2.74 19.64
CA ALA A 314 6.69 -3.46 18.38
C ALA A 314 5.85 -4.72 18.47
N GLN A 315 5.50 -5.20 19.65
CA GLN A 315 4.47 -6.22 19.72
C GLN A 315 3.14 -5.69 19.23
N VAL A 316 2.99 -4.36 19.16
CA VAL A 316 1.74 -3.79 18.64
C VAL A 316 1.91 -3.55 17.15
N MET A 317 2.94 -2.78 16.78
CA MET A 317 3.21 -2.55 15.38
C MET A 317 3.19 -3.86 14.59
N LYS A 318 3.88 -4.89 15.10
CA LYS A 318 3.89 -6.22 14.47
C LYS A 318 2.51 -6.66 14.02
N LYS A 319 1.45 -6.20 14.68
CA LYS A 319 0.11 -6.66 14.37
C LYS A 319 -0.58 -5.83 13.29
N LEU A 320 0.00 -4.70 12.86
CA LEU A 320 -0.68 -3.83 11.89
C LEU A 320 -0.37 -4.25 10.45
N ARG A 321 -1.20 -5.12 9.89
CA ARG A 321 -1.04 -5.57 8.51
C ARG A 321 -2.08 -4.86 7.65
N HIS A 322 -1.60 -4.16 6.63
CA HIS A 322 -2.44 -3.48 5.65
C HIS A 322 -1.56 -3.22 4.43
N GLU A 323 -2.18 -3.33 3.25
CA GLU A 323 -1.50 -3.17 1.97
C GLU A 323 -1.04 -1.74 1.71
N LYS A 324 -1.44 -0.76 2.55
CA LYS A 324 -0.95 0.61 2.46
C LYS A 324 -0.18 1.01 3.72
N LEU A 325 0.20 0.04 4.55
CA LEU A 325 1.18 0.26 5.61
C LEU A 325 2.42 -0.53 5.27
N VAL A 326 3.57 0.15 5.20
CA VAL A 326 4.85 -0.54 5.11
C VAL A 326 4.94 -1.57 6.24
N GLN A 327 5.16 -2.82 5.86
CA GLN A 327 5.09 -3.90 6.81
C GLN A 327 6.33 -3.94 7.67
N LEU A 328 6.15 -4.13 8.97
CA LEU A 328 7.27 -4.24 9.89
C LEU A 328 7.68 -5.70 10.00
N TYR A 329 8.85 -6.03 9.42
CA TYR A 329 9.32 -7.41 9.34
C TYR A 329 9.96 -7.89 10.65
N ALA A 330 10.85 -7.11 11.25
CA ALA A 330 11.66 -7.65 12.33
C ALA A 330 12.44 -6.53 12.97
N VAL A 331 13.31 -6.90 13.91
CA VAL A 331 14.06 -5.90 14.67
C VAL A 331 15.23 -6.59 15.35
N VAL A 332 16.32 -5.83 15.57
CA VAL A 332 17.46 -6.22 16.38
C VAL A 332 17.37 -5.43 17.66
N SER A 333 17.11 -6.09 18.78
CA SER A 333 16.84 -5.32 19.99
C SER A 333 18.10 -4.88 20.75
N GLU A 334 19.30 -5.08 20.22
CA GLU A 334 20.53 -4.67 20.90
C GLU A 334 20.88 -3.28 20.40
N GLU A 335 21.07 -2.34 21.33
CA GLU A 335 21.50 -1.00 20.96
C GLU A 335 22.78 -1.07 20.13
N PRO A 336 22.85 -0.45 18.94
CA PRO A 336 21.79 0.29 18.23
C PRO A 336 20.69 -0.62 17.64
N ILE A 337 19.44 -0.34 18.02
CA ILE A 337 18.24 -0.84 17.36
C ILE A 337 18.36 -0.77 15.84
N TYR A 338 18.04 -1.86 15.14
CA TYR A 338 17.82 -1.85 13.70
C TYR A 338 16.38 -2.26 13.50
N ILE A 339 15.67 -1.64 12.55
CA ILE A 339 14.27 -1.99 12.28
C ILE A 339 14.11 -2.39 10.83
N VAL A 340 13.67 -3.62 10.59
CA VAL A 340 13.67 -4.22 9.28
C VAL A 340 12.28 -4.16 8.70
N THR A 341 12.19 -3.64 7.48
CA THR A 341 10.94 -3.20 6.88
C THR A 341 10.92 -3.52 5.38
N GLU A 342 9.71 -3.60 4.84
CA GLU A 342 9.49 -3.82 3.43
C GLU A 342 10.17 -2.72 2.63
N TYR A 343 11.03 -3.13 1.71
CA TYR A 343 11.73 -2.16 0.87
C TYR A 343 10.73 -1.48 -0.06
N MET A 344 10.75 -0.14 -0.07
CA MET A 344 9.95 0.64 -1.00
C MET A 344 10.86 1.24 -2.07
N SER A 345 10.58 0.92 -3.34
CA SER A 345 11.60 1.04 -4.39
C SER A 345 11.86 2.49 -4.77
N LYS A 346 10.84 3.34 -4.79
CA LYS A 346 11.01 4.68 -5.33
C LYS A 346 10.99 5.78 -4.25
N GLY A 347 11.27 5.43 -2.97
CA GLY A 347 11.68 6.42 -1.97
C GLY A 347 10.54 7.19 -1.32
N SER A 348 10.91 8.28 -0.63
CA SER A 348 9.91 9.02 0.12
C SER A 348 9.06 9.82 -0.85
N LEU A 349 7.85 10.18 -0.38
CA LEU A 349 6.93 10.94 -1.22
C LEU A 349 7.44 12.35 -1.47
N LEU A 350 7.86 13.04 -0.43
CA LEU A 350 8.41 14.39 -0.59
C LEU A 350 9.54 14.41 -1.60
N ASP A 351 10.49 13.48 -1.50
CA ASP A 351 11.56 13.41 -2.49
C ASP A 351 10.96 13.29 -3.89
N PHE A 352 10.09 12.29 -4.07
CA PHE A 352 9.48 11.94 -5.35
C PHE A 352 8.70 13.10 -5.96
N LEU A 353 7.96 13.87 -5.13
CA LEU A 353 7.19 15.00 -5.65
C LEU A 353 8.09 16.09 -6.25
N LYS A 354 9.11 16.53 -5.51
CA LYS A 354 10.18 17.35 -6.09
C LYS A 354 10.98 16.54 -7.11
N GLY A 355 11.63 17.22 -8.01
CA GLY A 355 12.34 16.37 -8.95
C GLY A 355 11.42 15.71 -9.97
N GLU A 356 12.02 15.33 -11.10
CA GLU A 356 11.26 14.92 -12.27
C GLU A 356 10.77 13.49 -12.10
N THR A 357 9.74 13.11 -12.87
CA THR A 357 8.77 12.09 -12.44
C THR A 357 8.22 12.63 -11.12
N GLY A 358 7.39 13.66 -11.17
CA GLY A 358 7.27 14.45 -9.96
C GLY A 358 6.83 15.84 -10.30
N LYS A 359 7.51 16.47 -11.26
CA LYS A 359 7.08 17.79 -11.71
C LYS A 359 5.86 17.72 -12.62
N TYR A 360 5.53 16.55 -13.16
CA TYR A 360 4.45 16.45 -14.14
C TYR A 360 3.35 15.46 -13.74
N LEU A 361 2.97 15.38 -12.46
CA LEU A 361 1.76 14.59 -12.17
C LEU A 361 0.53 15.47 -12.10
N ARG A 362 -0.57 14.96 -12.62
CA ARG A 362 -1.80 15.71 -12.63
C ARG A 362 -2.62 15.36 -11.38
N LEU A 363 -3.58 16.21 -11.07
CA LEU A 363 -4.43 15.98 -9.92
C LEU A 363 -5.00 14.57 -9.77
N PRO A 364 -5.52 13.91 -10.81
CA PRO A 364 -6.13 12.59 -10.57
C PRO A 364 -5.15 11.53 -10.09
N GLN A 365 -3.84 11.74 -10.28
CA GLN A 365 -2.86 10.84 -9.70
C GLN A 365 -2.42 11.32 -8.33
N LEU A 366 -2.28 12.63 -8.14
CA LEU A 366 -2.12 13.15 -6.79
C LEU A 366 -3.27 12.68 -5.88
N VAL A 367 -4.52 12.83 -6.34
CA VAL A 367 -5.67 12.48 -5.50
C VAL A 367 -5.75 10.98 -5.27
N ASP A 368 -5.29 10.17 -6.23
CA ASP A 368 -5.21 8.73 -6.02
C ASP A 368 -4.12 8.37 -5.00
N MET A 369 -3.08 9.19 -4.92
CA MET A 369 -2.08 8.99 -3.89
C MET A 369 -2.67 9.32 -2.53
N ALA A 370 -3.33 10.48 -2.40
CA ALA A 370 -3.85 10.85 -1.10
C ALA A 370 -4.89 9.86 -0.63
N ALA A 371 -5.67 9.30 -1.55
CA ALA A 371 -6.62 8.25 -1.18
C ALA A 371 -5.92 6.98 -0.70
N GLN A 372 -4.73 6.70 -1.22
CA GLN A 372 -4.03 5.52 -0.74
C GLN A 372 -3.57 5.72 0.69
N ILE A 373 -3.09 6.92 1.00
CA ILE A 373 -2.65 7.18 2.35
C ILE A 373 -3.83 7.13 3.29
N ALA A 374 -4.97 7.62 2.83
CA ALA A 374 -6.13 7.64 3.70
C ALA A 374 -6.64 6.23 3.96
N SER A 375 -6.49 5.32 3.01
CA SER A 375 -6.89 3.96 3.31
C SER A 375 -5.92 3.32 4.30
N GLY A 376 -4.64 3.72 4.26
CA GLY A 376 -3.72 3.23 5.24
C GLY A 376 -4.05 3.76 6.63
N MET A 377 -4.31 5.06 6.71
CA MET A 377 -4.66 5.67 8.00
C MET A 377 -6.03 5.23 8.48
N ALA A 378 -6.94 4.90 7.55
CA ALA A 378 -8.24 4.40 7.97
C ALA A 378 -8.13 3.08 8.72
N TYR A 379 -7.24 2.19 8.26
CA TYR A 379 -7.01 0.94 9.00
C TYR A 379 -6.38 1.22 10.36
N VAL A 380 -5.33 2.03 10.40
CA VAL A 380 -4.81 2.54 11.66
C VAL A 380 -5.96 2.99 12.55
N GLU A 381 -6.87 3.78 11.97
CA GLU A 381 -8.03 4.24 12.72
C GLU A 381 -8.85 3.08 13.24
N ARG A 382 -9.13 2.08 12.40
CA ARG A 382 -9.95 0.96 12.85
C ARG A 382 -9.27 0.13 13.93
N MET A 383 -7.94 0.24 14.06
CA MET A 383 -7.19 -0.53 15.03
C MET A 383 -6.84 0.29 16.25
N ASN A 384 -7.47 1.45 16.41
CA ASN A 384 -7.30 2.29 17.58
C ASN A 384 -5.85 2.68 17.81
N TYR A 385 -5.15 2.91 16.72
CA TYR A 385 -3.74 3.27 16.77
C TYR A 385 -3.54 4.73 16.36
N VAL A 386 -2.30 5.19 16.47
CA VAL A 386 -1.96 6.59 16.19
C VAL A 386 -0.61 6.62 15.49
N HIS A 387 -0.52 7.40 14.40
CA HIS A 387 0.75 7.49 13.71
C HIS A 387 1.75 8.40 14.43
N ARG A 388 1.34 9.65 14.70
CA ARG A 388 2.08 10.67 15.44
C ARG A 388 3.02 11.50 14.57
N ASP A 389 3.40 11.05 13.36
CA ASP A 389 4.12 11.95 12.48
C ASP A 389 3.76 11.68 11.01
N LEU A 390 2.47 11.76 10.70
CA LEU A 390 2.03 11.67 9.31
C LEU A 390 2.45 12.92 8.56
N ARG A 391 3.16 12.73 7.45
CA ARG A 391 3.55 13.80 6.52
C ARG A 391 4.32 13.17 5.36
N ALA A 392 4.53 13.96 4.30
CA ALA A 392 5.00 13.36 3.05
C ALA A 392 6.36 12.67 3.20
N ALA A 393 7.21 13.18 4.12
CA ALA A 393 8.49 12.54 4.38
C ALA A 393 8.35 11.12 4.91
N ASN A 394 7.21 10.75 5.51
CA ASN A 394 7.05 9.39 6.00
C ASN A 394 6.01 8.61 5.20
N ILE A 395 5.77 8.99 3.96
CA ILE A 395 5.07 8.15 3.01
C ILE A 395 6.10 7.63 2.04
N LEU A 396 6.10 6.33 1.81
CA LEU A 396 6.99 5.78 0.78
C LEU A 396 6.19 5.44 -0.47
N VAL A 397 6.89 5.42 -1.60
CA VAL A 397 6.32 5.24 -2.93
C VAL A 397 6.92 3.99 -3.57
N GLY A 398 6.16 3.36 -4.46
CA GLY A 398 6.60 2.13 -5.06
C GLY A 398 6.42 2.17 -6.57
N GLU A 399 6.16 1.01 -7.14
CA GLU A 399 5.83 0.92 -8.54
C GLU A 399 4.35 1.28 -8.77
N ASN A 400 4.10 2.00 -9.85
CA ASN A 400 2.76 2.42 -10.26
C ASN A 400 2.13 3.35 -9.26
N LEU A 401 2.96 4.11 -8.55
CA LEU A 401 2.48 5.09 -7.59
C LEU A 401 1.74 4.43 -6.43
N VAL A 402 2.06 3.19 -6.05
CA VAL A 402 1.58 2.75 -4.74
C VAL A 402 2.31 3.58 -3.68
N CYS A 403 1.55 4.03 -2.70
CA CYS A 403 2.05 4.83 -1.58
C CYS A 403 1.72 4.07 -0.31
N LYS A 404 2.62 4.15 0.66
CA LYS A 404 2.42 3.43 1.91
C LYS A 404 2.93 4.26 3.06
N VAL A 405 2.20 4.17 4.16
CA VAL A 405 2.50 4.87 5.39
C VAL A 405 3.62 4.13 6.14
N ALA A 406 4.72 4.83 6.44
CA ALA A 406 5.86 4.29 7.16
C ALA A 406 5.97 4.90 8.56
N ASP A 407 6.78 4.23 9.40
CA ASP A 407 7.24 4.71 10.73
C ASP A 407 6.08 5.19 11.61
N PHE A 408 4.99 4.43 11.61
CA PHE A 408 3.87 4.74 12.49
C PHE A 408 4.18 4.40 13.96
N GLY A 409 3.71 5.28 14.86
CA GLY A 409 3.83 5.08 16.30
C GLY A 409 5.24 5.00 16.84
N LEU A 410 6.25 5.04 15.98
CA LEU A 410 7.64 5.16 16.40
C LEU A 410 7.89 6.44 17.19
N ALA A 411 7.39 7.58 16.69
CA ALA A 411 7.83 8.87 17.22
C ALA A 411 7.50 9.01 18.70
N ARG A 412 6.51 8.27 19.20
CA ARG A 412 6.19 8.33 20.63
C ARG A 412 7.40 7.91 21.47
N LEU A 413 8.09 6.85 21.06
CA LEU A 413 9.09 6.24 21.91
C LEU A 413 10.39 7.01 21.98
N ILE A 414 10.57 8.04 21.14
CA ILE A 414 11.84 8.75 21.16
C ILE A 414 11.93 9.51 22.48
N GLU A 415 13.08 9.38 23.15
CA GLU A 415 13.40 10.21 24.32
C GLU A 415 14.51 11.17 23.92
N ASP A 416 14.09 12.39 23.66
CA ASP A 416 14.95 13.55 23.48
C ASP A 416 14.13 14.62 24.14
N ASN A 417 14.63 15.16 25.25
CA ASN A 417 13.75 15.93 26.10
C ASN A 417 13.24 17.17 25.38
N GLU A 418 13.98 17.65 24.38
CA GLU A 418 13.47 18.67 23.47
C GLU A 418 12.33 18.18 22.57
N TYR A 419 12.62 17.24 21.66
CA TYR A 419 11.59 16.69 20.77
C TYR A 419 10.31 16.34 21.51
N THR A 420 10.41 15.61 22.63
CA THR A 420 9.23 15.21 23.38
C THR A 420 8.47 16.41 23.91
N ALA A 421 9.15 17.52 24.14
CA ALA A 421 8.47 18.75 24.45
C ALA A 421 7.86 19.42 23.22
N ARG A 422 7.93 18.77 22.06
CA ARG A 422 7.44 19.35 20.81
C ARG A 422 8.16 20.64 20.47
N GLN A 423 9.43 20.71 20.87
CA GLN A 423 10.34 21.83 20.66
C GLN A 423 11.57 21.39 19.88
N GLY A 424 12.38 22.35 19.48
CA GLY A 424 13.65 22.07 18.85
C GLY A 424 13.56 21.98 17.34
N ALA A 425 14.74 22.00 16.72
CA ALA A 425 14.84 21.88 15.26
C ALA A 425 14.39 20.52 14.74
N LYS A 426 14.07 19.58 15.61
CA LYS A 426 13.72 18.23 15.17
C LYS A 426 12.24 17.92 15.24
N PHE A 427 11.38 18.93 15.41
CA PHE A 427 9.96 18.64 15.60
C PHE A 427 9.10 19.25 14.49
N PRO A 428 8.29 18.44 13.78
CA PRO A 428 7.54 18.98 12.64
C PRO A 428 6.39 19.86 13.08
N ILE A 429 6.71 21.07 13.54
CA ILE A 429 5.68 21.90 14.15
C ILE A 429 4.59 22.25 13.16
N LYS A 430 4.92 22.37 11.87
CA LYS A 430 3.94 22.84 10.90
C LYS A 430 2.89 21.78 10.57
N TRP A 431 3.14 20.52 10.88
CA TRP A 431 2.15 19.46 10.72
C TRP A 431 1.48 19.08 12.03
N THR A 432 1.78 19.76 13.12
CA THR A 432 1.36 19.31 14.45
C THR A 432 0.11 20.05 14.88
N ALA A 433 -1.00 19.31 15.02
CA ALA A 433 -2.22 19.87 15.60
C ALA A 433 -1.90 20.56 16.91
N PRO A 434 -2.45 21.77 17.15
CA PRO A 434 -1.97 22.57 18.28
C PRO A 434 -2.14 21.88 19.62
N GLU A 435 -3.18 21.06 19.79
CA GLU A 435 -3.34 20.35 21.05
C GLU A 435 -2.21 19.34 21.27
N ALA A 436 -1.69 18.76 20.20
CA ALA A 436 -0.46 17.98 20.36
C ALA A 436 0.69 18.90 20.71
N ALA A 437 0.79 20.06 20.06
CA ALA A 437 1.91 20.96 20.30
C ALA A 437 1.92 21.44 21.74
N LEU A 438 0.74 21.65 22.33
CA LEU A 438 0.57 22.31 23.61
C LEU A 438 0.32 21.36 24.77
N TYR A 439 -0.35 20.23 24.54
CA TYR A 439 -0.79 19.34 25.61
C TYR A 439 -0.41 17.89 25.38
N GLY A 440 0.53 17.62 24.46
CA GLY A 440 0.96 16.26 24.17
C GLY A 440 -0.17 15.33 23.77
N ARG A 441 -1.33 15.89 23.48
CA ARG A 441 -2.54 15.11 23.20
C ARG A 441 -2.50 14.60 21.76
N PHE A 442 -1.62 13.62 21.54
CA PHE A 442 -1.53 12.97 20.25
C PHE A 442 -2.59 11.89 20.10
N THR A 443 -3.41 12.04 19.08
CA THR A 443 -4.57 11.17 18.89
C THR A 443 -4.79 11.02 17.40
N ILE A 444 -5.70 10.13 17.06
CA ILE A 444 -5.99 9.94 15.65
C ILE A 444 -6.46 11.24 15.04
N LYS A 445 -7.03 12.15 15.83
CA LYS A 445 -7.48 13.41 15.27
C LYS A 445 -6.30 14.35 14.98
N SER A 446 -5.27 14.34 15.83
CA SER A 446 -4.09 15.12 15.46
C SER A 446 -3.48 14.57 14.17
N ASP A 447 -3.61 13.26 13.93
CA ASP A 447 -3.14 12.72 12.67
C ASP A 447 -3.98 13.24 11.52
N VAL A 448 -5.26 13.54 11.75
CA VAL A 448 -6.08 14.08 10.69
C VAL A 448 -5.65 15.50 10.34
N TRP A 449 -5.34 16.32 11.33
CA TRP A 449 -4.68 17.59 11.04
C TRP A 449 -3.51 17.40 10.07
N SER A 450 -2.49 16.64 10.49
CA SER A 450 -1.32 16.38 9.65
C SER A 450 -1.73 16.06 8.22
N PHE A 451 -2.67 15.12 8.08
CA PHE A 451 -3.11 14.72 6.76
C PHE A 451 -3.56 15.90 5.92
N GLY A 452 -4.16 16.92 6.55
CA GLY A 452 -4.52 18.10 5.80
C GLY A 452 -3.31 18.86 5.31
N ILE A 453 -2.27 18.93 6.14
CA ILE A 453 -1.03 19.57 5.68
C ILE A 453 -0.43 18.78 4.53
N LEU A 454 -0.39 17.44 4.67
CA LEU A 454 0.13 16.60 3.62
C LEU A 454 -0.58 16.88 2.30
N LEU A 455 -1.87 17.21 2.36
CA LEU A 455 -2.54 17.53 1.12
C LEU A 455 -1.96 18.79 0.49
N THR A 456 -1.47 19.75 1.27
CA THR A 456 -0.83 20.89 0.63
C THR A 456 0.50 20.48 0.02
N GLU A 457 1.29 19.65 0.73
CA GLU A 457 2.49 19.09 0.11
C GLU A 457 2.17 18.41 -1.22
N LEU A 458 1.07 17.65 -1.27
CA LEU A 458 0.70 16.97 -2.49
C LEU A 458 0.29 17.92 -3.62
N THR A 459 -0.33 19.05 -3.29
CA THR A 459 -0.76 19.98 -4.34
C THR A 459 0.27 21.07 -4.65
N THR A 460 1.46 21.02 -4.05
CA THR A 460 2.51 21.97 -4.41
C THR A 460 3.73 21.26 -4.96
N LYS A 461 3.62 19.97 -5.24
CA LYS A 461 4.80 19.16 -5.47
C LYS A 461 5.87 19.46 -4.41
N GLY A 462 5.45 19.38 -3.16
CA GLY A 462 6.36 19.27 -2.04
C GLY A 462 6.77 20.55 -1.36
N ARG A 463 6.23 21.70 -1.75
CA ARG A 463 6.65 22.94 -1.11
C ARG A 463 6.37 22.88 0.39
N VAL A 464 7.25 23.50 1.16
CA VAL A 464 7.07 23.60 2.61
C VAL A 464 5.70 24.20 2.93
N PRO A 465 5.09 23.82 4.03
CA PRO A 465 3.86 24.48 4.49
C PRO A 465 4.19 25.78 5.20
N TYR A 466 3.14 26.60 5.39
CA TYR A 466 3.19 27.97 5.88
C TYR A 466 4.38 28.76 5.27
N PRO A 467 4.49 28.84 3.95
CA PRO A 467 5.78 29.26 3.34
C PRO A 467 6.42 30.53 3.89
N GLY A 468 5.65 31.60 4.07
CA GLY A 468 6.25 32.82 4.59
C GLY A 468 6.65 32.79 6.06
N MET A 469 6.27 31.76 6.81
CA MET A 469 6.52 31.76 8.24
C MET A 469 7.77 30.96 8.56
N VAL A 470 8.13 31.03 9.83
CA VAL A 470 9.16 30.19 10.40
C VAL A 470 8.47 29.38 11.49
N ASN A 471 9.15 28.32 11.91
CA ASN A 471 8.57 27.40 12.88
C ASN A 471 8.29 28.09 14.20
N ARG A 472 9.28 28.84 14.72
CA ARG A 472 9.18 29.46 16.03
C ARG A 472 7.86 30.20 16.17
N GLU A 473 7.29 30.59 15.04
CA GLU A 473 6.09 31.40 15.05
C GLU A 473 4.82 30.64 14.70
N VAL A 474 4.90 29.40 14.24
CA VAL A 474 3.70 28.75 13.70
C VAL A 474 2.67 28.45 14.81
N LEU A 475 3.10 28.20 16.05
CA LEU A 475 2.15 27.87 17.13
C LEU A 475 1.16 29.02 17.41
N ASP A 476 1.67 30.16 17.90
CA ASP A 476 0.86 31.36 18.08
C ASP A 476 -0.09 31.57 16.91
N GLN A 477 0.46 31.61 15.69
CA GLN A 477 -0.36 31.92 14.51
C GLN A 477 -1.49 30.93 14.34
N VAL A 478 -1.26 29.65 14.63
CA VAL A 478 -2.30 28.64 14.50
C VAL A 478 -3.29 28.72 15.68
N GLU A 479 -2.80 28.92 16.92
CA GLU A 479 -3.70 29.06 18.06
C GLU A 479 -4.54 30.33 17.97
N ARG A 480 -4.05 31.34 17.24
CA ARG A 480 -4.75 32.58 17.02
C ARG A 480 -5.69 32.51 15.83
N GLY A 481 -5.97 31.31 15.32
CA GLY A 481 -6.98 31.11 14.28
C GLY A 481 -6.46 30.95 12.85
N TYR A 482 -5.22 31.33 12.55
CA TYR A 482 -4.74 31.35 11.17
C TYR A 482 -4.81 29.95 10.53
N ARG A 483 -4.99 29.94 9.21
CA ARG A 483 -4.95 28.75 8.37
C ARG A 483 -4.27 29.09 7.07
N MET A 484 -3.88 28.05 6.34
CA MET A 484 -3.22 28.23 5.04
C MET A 484 -4.25 28.57 3.98
N PRO A 485 -4.02 29.63 3.21
CA PRO A 485 -4.80 29.82 2.00
C PRO A 485 -4.67 28.61 1.07
N CYS A 486 -5.72 28.36 0.30
CA CYS A 486 -5.70 27.32 -0.71
C CYS A 486 -4.50 27.51 -1.62
N PRO A 487 -3.56 26.57 -1.66
CA PRO A 487 -2.46 26.65 -2.60
C PRO A 487 -2.98 26.96 -3.99
N PRO A 488 -2.30 27.83 -4.72
CA PRO A 488 -2.58 27.98 -6.15
C PRO A 488 -2.60 26.60 -6.77
N GLU A 489 -3.57 26.39 -7.64
CA GLU A 489 -3.69 25.14 -8.38
C GLU A 489 -4.11 23.98 -7.48
N CYS A 490 -4.88 24.27 -6.43
CA CYS A 490 -5.57 23.25 -5.64
C CYS A 490 -7.08 23.51 -5.70
N PRO A 491 -7.86 22.60 -6.28
CA PRO A 491 -9.31 22.83 -6.35
C PRO A 491 -9.87 23.16 -4.99
N GLU A 492 -10.69 24.22 -4.94
CA GLU A 492 -11.21 24.68 -3.66
C GLU A 492 -11.98 23.58 -2.93
N SER A 493 -12.47 22.59 -3.65
CA SER A 493 -13.17 21.49 -2.98
C SER A 493 -12.20 20.71 -2.11
N LEU A 494 -10.98 20.51 -2.60
CA LEU A 494 -9.95 19.88 -1.78
C LEU A 494 -9.54 20.77 -0.63
N HIS A 495 -9.19 22.03 -0.92
CA HIS A 495 -8.81 22.95 0.14
C HIS A 495 -9.87 23.04 1.24
N ASP A 496 -11.14 22.93 0.89
CA ASP A 496 -12.13 22.95 1.96
C ASP A 496 -12.08 21.65 2.75
N LEU A 497 -11.59 20.58 2.13
CA LEU A 497 -11.34 19.35 2.87
C LEU A 497 -10.19 19.54 3.86
N MET A 498 -9.12 20.18 3.41
CA MET A 498 -8.06 20.54 4.33
C MET A 498 -8.61 21.32 5.50
N CYS A 499 -9.64 22.13 5.28
CA CYS A 499 -10.07 23.02 6.35
C CYS A 499 -10.86 22.24 7.40
N GLN A 500 -11.59 21.19 6.99
CA GLN A 500 -12.13 20.25 7.97
C GLN A 500 -11.02 19.58 8.75
N CYS A 501 -9.91 19.27 8.10
CA CYS A 501 -8.81 18.69 8.85
C CYS A 501 -8.22 19.67 9.85
N TRP A 502 -8.39 20.98 9.66
CA TRP A 502 -7.79 21.93 10.57
C TRP A 502 -8.78 22.55 11.55
N ARG A 503 -10.00 22.00 11.65
CA ARG A 503 -10.97 22.54 12.60
C ARG A 503 -10.37 22.49 14.01
N LYS A 504 -10.69 23.51 14.84
CA LYS A 504 -10.01 23.70 16.11
C LYS A 504 -10.18 22.50 17.04
N GLU A 505 -11.38 21.93 17.04
CA GLU A 505 -11.74 20.96 18.08
C GLU A 505 -11.70 19.56 17.51
N PRO A 506 -10.71 18.75 17.92
CA PRO A 506 -10.51 17.42 17.34
C PRO A 506 -11.76 16.69 16.92
N GLU A 507 -12.70 16.54 17.86
CA GLU A 507 -13.80 15.62 17.62
C GLU A 507 -14.74 16.11 16.54
N GLU A 508 -14.55 17.30 15.95
CA GLU A 508 -15.29 17.72 14.76
C GLU A 508 -14.44 17.67 13.48
N ARG A 509 -13.23 17.17 13.55
CA ARG A 509 -12.54 16.89 12.32
C ARG A 509 -13.01 15.55 11.76
N PRO A 510 -12.95 15.37 10.44
CA PRO A 510 -13.47 14.14 9.85
C PRO A 510 -12.62 12.94 10.22
N THR A 511 -13.20 11.76 10.04
CA THR A 511 -12.48 10.51 10.25
C THR A 511 -11.69 10.11 9.00
N PHE A 512 -10.87 9.08 9.14
CA PHE A 512 -10.14 8.64 7.97
C PHE A 512 -11.02 7.84 7.02
N GLU A 513 -12.01 7.10 7.55
CA GLU A 513 -12.98 6.46 6.65
C GLU A 513 -13.55 7.47 5.66
N TYR A 514 -13.95 8.65 6.17
CA TYR A 514 -14.54 9.68 5.32
C TYR A 514 -13.50 10.19 4.33
N LEU A 515 -12.35 10.61 4.85
CA LEU A 515 -11.24 11.02 4.00
C LEU A 515 -10.90 9.97 2.96
N GLN A 516 -11.10 8.70 3.26
CA GLN A 516 -10.83 7.70 2.25
C GLN A 516 -11.92 7.69 1.19
N ALA A 517 -13.19 7.69 1.62
CA ALA A 517 -14.27 7.58 0.64
C ALA A 517 -14.40 8.86 -0.17
N PHE A 518 -14.26 10.01 0.47
CA PHE A 518 -14.26 11.26 -0.27
C PHE A 518 -13.28 11.25 -1.45
N LEU A 519 -12.11 10.64 -1.26
CA LEU A 519 -11.06 10.73 -2.27
C LEU A 519 -11.09 9.59 -3.29
N GLU A 520 -11.57 8.40 -2.91
CA GLU A 520 -11.71 7.43 -3.99
C GLU A 520 -12.88 7.74 -4.92
N ASP A 521 -13.73 8.69 -4.55
CA ASP A 521 -14.90 9.05 -5.37
C ASP A 521 -14.84 10.50 -5.85
N TYR A 522 -13.69 11.16 -5.71
CA TYR A 522 -13.57 12.59 -5.99
C TYR A 522 -14.03 12.94 -7.40
N PHE A 523 -13.65 12.11 -8.39
CA PHE A 523 -14.01 12.34 -9.79
C PHE A 523 -15.17 11.42 -10.18
N THR A 524 -16.29 12.04 -10.57
CA THR A 524 -17.52 11.35 -10.91
C THR A 524 -17.73 11.46 -12.42
N SER A 525 -17.73 10.32 -13.10
CA SER A 525 -17.98 10.27 -14.53
C SER A 525 -19.48 10.03 -14.73
N THR A 526 -19.88 9.57 -15.91
CA THR A 526 -21.29 9.32 -16.12
C THR A 526 -21.58 7.84 -15.81
N GLU A 527 -22.46 7.19 -16.58
CA GLU A 527 -22.93 5.88 -16.15
C GLU A 527 -21.94 4.73 -16.37
N PRO A 528 -20.91 4.79 -17.27
CA PRO A 528 -20.32 3.53 -17.72
C PRO A 528 -19.45 2.90 -16.63
N GLN A 529 -20.09 2.46 -15.55
CA GLN A 529 -19.36 1.89 -14.43
C GLN A 529 -18.82 0.51 -14.88
N GLN A 531 -19.14 -1.91 -18.52
CA GLN A 531 -19.59 -1.90 -19.89
C GLN A 531 -20.86 -2.73 -19.96
N PRO A 532 -21.93 -2.18 -20.58
CA PRO A 532 -23.18 -2.95 -20.73
C PRO A 532 -22.95 -4.13 -21.64
N GLY A 533 -23.03 -5.33 -21.10
CA GLY A 533 -22.89 -6.51 -21.91
C GLY A 533 -24.15 -6.82 -22.69
N GLU A 534 -25.12 -5.87 -22.64
CA GLU A 534 -26.45 -6.03 -23.24
C GLU A 534 -26.36 -6.91 -24.47
N ASN A 535 -25.51 -6.52 -25.39
CA ASN A 535 -25.16 -7.20 -26.62
C ASN A 535 -23.98 -6.37 -27.09
N LEU A 536 -22.90 -7.03 -27.47
CA LEU A 536 -21.70 -6.27 -27.75
C LEU A 536 -21.41 -6.24 -29.24
#